data_5ZO4
#
_entry.id   5ZO4
#
_cell.length_a   122.010
_cell.length_b   122.010
_cell.length_c   148.808
_cell.angle_alpha   90.00
_cell.angle_beta   90.00
_cell.angle_gamma   90.00
#
_symmetry.space_group_name_H-M   'I 4 2 2'
#
loop_
_entity.id
_entity.type
_entity.pdbx_description
1 polymer "Putative 3'-5' exonuclease family protein"
2 non-polymer 'SULFATE ION'
3 non-polymer 'MANGANESE (II) ION'
4 water water
#
_entity_poly.entity_id   1
_entity_poly.type   'polypeptide(L)'
_entity_poly.pdbx_seq_one_letter_code
;GPGSMAATIRYHEGDISAEDAARYKGAIAIDTETLGLVPRRDRLCVVQLSSGDGTADVIRIAAGQKQAPNLVHMLADPAR
QKIFHYGRFDIAVLFHTFGVTTTPVFCTKIASRLCRTYTDRHGLKDNLKEMLEVDISKAQQSSDWAAETLSPAQLEYAAS
DVLYLHALRDKLTARLIRDGRIEHADACFAFLPTRAKLDLLGWDETDIFAHS
;
_entity_poly.pdbx_strand_id   A,B
#
loop_
_chem_comp.id
_chem_comp.type
_chem_comp.name
_chem_comp.formula
MN non-polymer 'MANGANESE (II) ION' 'Mn 2'
SO4 non-polymer 'SULFATE ION' 'O4 S -2'
#
# COMPACT_ATOMS: atom_id res chain seq x y z
N ALA A 6 -10.27 8.87 35.76
CA ALA A 6 -8.91 9.09 35.27
C ALA A 6 -8.50 10.60 35.25
N ALA A 7 -9.05 11.53 34.43
CA ALA A 7 -10.06 11.43 33.33
C ALA A 7 -10.33 12.78 32.60
N THR A 8 -11.52 13.32 32.85
CA THR A 8 -12.13 14.49 32.19
C THR A 8 -12.44 14.17 30.74
N ILE A 9 -13.71 13.81 30.52
CA ILE A 9 -14.28 13.53 29.22
C ILE A 9 -15.25 14.65 28.89
N ARG A 10 -15.13 15.21 27.70
CA ARG A 10 -16.12 16.14 27.20
C ARG A 10 -17.07 15.37 26.27
N TYR A 11 -18.36 15.33 26.63
CA TYR A 11 -19.35 14.59 25.86
C TYR A 11 -20.05 15.51 24.86
N HIS A 12 -20.22 15.03 23.63
CA HIS A 12 -20.95 15.75 22.60
C HIS A 12 -21.98 14.83 21.94
N GLU A 13 -23.09 15.42 21.49
CA GLU A 13 -24.11 14.68 20.74
C GLU A 13 -24.06 15.11 19.29
N GLY A 14 -23.75 14.19 18.40
CA GLY A 14 -23.76 14.44 16.97
C GLY A 14 -22.47 14.96 16.38
N ASP A 15 -21.88 15.98 17.02
CA ASP A 15 -20.64 16.61 16.54
C ASP A 15 -19.91 17.25 17.71
N ILE A 16 -18.60 17.43 17.56
CA ILE A 16 -17.83 18.18 18.54
C ILE A 16 -18.15 19.66 18.38
N SER A 17 -18.31 20.37 19.50
CA SER A 17 -18.60 21.80 19.46
C SER A 17 -17.43 22.54 18.86
N ALA A 18 -17.73 23.72 18.30
CA ALA A 18 -16.68 24.49 17.65
C ALA A 18 -15.58 24.88 18.63
N GLU A 19 -15.91 25.05 19.91
CA GLU A 19 -14.89 25.45 20.89
C GLU A 19 -13.87 24.34 21.11
N ASP A 20 -14.35 23.11 21.30
CA ASP A 20 -13.43 22.03 21.63
C ASP A 20 -12.60 21.63 20.42
N ALA A 21 -13.17 21.76 19.21
CA ALA A 21 -12.39 21.54 18.00
C ALA A 21 -11.16 22.43 17.97
N ALA A 22 -11.28 23.66 18.50
CA ALA A 22 -10.17 24.60 18.43
C ALA A 22 -9.06 24.27 19.42
N ARG A 23 -9.33 23.43 20.44
CA ARG A 23 -8.24 22.91 21.27
C ARG A 23 -7.22 22.14 20.46
N TYR A 24 -7.58 21.69 19.26
CA TYR A 24 -6.78 20.77 18.47
C TYR A 24 -5.97 21.60 17.48
N LYS A 25 -4.77 21.99 17.88
CA LYS A 25 -3.90 22.78 17.01
C LYS A 25 -2.77 21.94 16.41
N GLY A 26 -2.69 20.65 16.73
CA GLY A 26 -1.72 19.79 16.09
C GLY A 26 -2.33 18.45 15.73
N ALA A 27 -1.58 17.37 15.92
CA ALA A 27 -2.10 16.04 15.63
C ALA A 27 -3.37 15.75 16.45
N ILE A 28 -4.22 14.89 15.88
CA ILE A 28 -5.50 14.48 16.46
C ILE A 28 -5.48 12.97 16.69
N ALA A 29 -5.54 12.53 17.95
CA ALA A 29 -5.76 11.12 18.22
C ALA A 29 -7.23 10.76 18.02
N ILE A 30 -7.49 9.56 17.54
CA ILE A 30 -8.86 9.21 17.23
C ILE A 30 -9.12 7.75 17.08
N ASP A 31 -10.21 7.30 17.66
CA ASP A 31 -10.72 5.96 17.45
C ASP A 31 -12.24 6.10 17.35
N THR A 32 -12.89 5.07 16.90
CA THR A 32 -14.33 5.07 16.80
C THR A 32 -14.87 3.87 17.54
N GLU A 33 -16.19 3.83 17.76
CA GLU A 33 -16.88 2.61 18.14
C GLU A 33 -18.09 2.44 17.24
N THR A 34 -18.36 1.19 16.86
CA THR A 34 -19.43 0.79 15.95
C THR A 34 -20.20 -0.34 16.59
N LEU A 35 -21.20 -0.83 15.86
CA LEU A 35 -21.92 -2.05 16.20
C LEU A 35 -21.26 -3.31 15.63
N GLY A 36 -20.04 -3.19 15.09
CA GLY A 36 -19.32 -4.35 14.59
C GLY A 36 -18.38 -4.00 13.44
N LEU A 37 -17.89 -5.05 12.78
CA LEU A 37 -16.76 -4.93 11.87
C LEU A 37 -17.12 -4.74 10.40
N VAL A 38 -18.38 -4.90 10.00
CA VAL A 38 -18.77 -4.66 8.61
C VAL A 38 -19.40 -3.26 8.52
N PRO A 39 -18.71 -2.29 7.93
CA PRO A 39 -19.26 -0.92 7.93
C PRO A 39 -20.62 -0.80 7.25
N ARG A 40 -20.86 -1.50 6.13
CA ARG A 40 -22.16 -1.35 5.46
C ARG A 40 -23.31 -1.92 6.29
N ARG A 41 -23.01 -2.70 7.34
CA ARG A 41 -24.01 -3.31 8.22
C ARG A 41 -24.05 -2.71 9.62
N ASP A 42 -22.89 -2.40 10.19
CA ASP A 42 -22.77 -1.98 11.57
C ASP A 42 -22.46 -0.48 11.63
N ARG A 43 -23.39 0.30 12.16
CA ARG A 43 -23.29 1.74 12.05
C ARG A 43 -22.25 2.28 13.03
N LEU A 44 -21.65 3.40 12.64
CA LEU A 44 -20.81 4.18 13.56
C LEU A 44 -21.63 4.67 14.75
N CYS A 45 -21.12 4.46 15.96
CA CYS A 45 -21.83 4.90 17.16
C CYS A 45 -21.14 6.01 17.92
N VAL A 46 -19.81 6.02 17.95
CA VAL A 46 -19.03 6.95 18.74
C VAL A 46 -17.79 7.26 17.94
N VAL A 47 -17.36 8.51 17.97
CA VAL A 47 -16.01 8.89 17.58
C VAL A 47 -15.40 9.60 18.79
N GLN A 48 -14.16 9.27 19.12
CA GLN A 48 -13.49 9.77 20.32
C GLN A 48 -12.18 10.45 19.93
N LEU A 49 -11.87 11.55 20.60
CA LEU A 49 -10.77 12.40 20.16
C LEU A 49 -9.97 12.93 21.34
N SER A 50 -8.66 12.96 21.18
CA SER A 50 -7.78 13.61 22.15
C SER A 50 -6.76 14.44 21.42
N SER A 51 -6.34 15.53 22.06
CA SER A 51 -5.25 16.38 21.58
C SER A 51 -3.93 16.05 22.27
N GLY A 52 -3.90 15.05 23.15
CA GLY A 52 -2.67 14.64 23.78
C GLY A 52 -2.33 15.34 25.07
N ASP A 53 -3.32 15.93 25.74
CA ASP A 53 -3.11 16.63 27.00
C ASP A 53 -3.76 15.91 28.17
N GLY A 54 -4.27 14.70 27.94
CA GLY A 54 -4.91 13.95 29.00
C GLY A 54 -6.41 14.10 29.05
N THR A 55 -7.01 14.85 28.12
CA THR A 55 -8.46 14.99 28.01
C THR A 55 -8.93 14.35 26.73
N ALA A 56 -10.23 14.10 26.67
CA ALA A 56 -10.80 13.49 25.48
C ALA A 56 -12.17 14.08 25.19
N ASP A 57 -12.47 14.17 23.89
CA ASP A 57 -13.79 14.48 23.39
C ASP A 57 -14.43 13.19 22.85
N VAL A 58 -15.60 12.85 23.36
CA VAL A 58 -16.32 11.64 23.00
C VAL A 58 -17.64 12.06 22.38
N ILE A 59 -17.77 11.87 21.07
CA ILE A 59 -18.91 12.32 20.29
C ILE A 59 -19.78 11.11 19.99
N ARG A 60 -21.02 11.16 20.45
CA ARG A 60 -21.97 10.09 20.18
C ARG A 60 -22.66 10.33 18.86
N ILE A 61 -22.75 9.30 18.03
CA ILE A 61 -23.27 9.41 16.67
C ILE A 61 -24.61 8.71 16.63
N ALA A 62 -25.64 9.43 16.18
CA ALA A 62 -26.98 8.85 16.15
C ALA A 62 -27.15 8.03 14.88
N ALA A 63 -27.99 7.00 14.97
CA ALA A 63 -28.37 6.22 13.81
C ALA A 63 -28.86 7.11 12.68
N GLY A 64 -28.33 6.83 11.50
CA GLY A 64 -28.66 7.51 10.27
C GLY A 64 -27.99 8.84 10.04
N GLN A 65 -27.29 9.33 11.04
CA GLN A 65 -26.64 10.60 10.93
C GLN A 65 -25.60 10.55 9.85
N LYS A 66 -25.67 11.49 8.92
CA LYS A 66 -24.71 11.50 7.84
C LYS A 66 -23.98 12.82 7.74
N GLN A 67 -23.95 13.56 8.81
CA GLN A 67 -23.29 14.84 8.77
C GLN A 67 -22.66 15.21 10.10
N ALA A 68 -21.45 15.75 10.07
CA ALA A 68 -20.78 16.16 11.31
C ALA A 68 -19.80 17.27 10.96
N PRO A 69 -20.29 18.50 10.82
CA PRO A 69 -19.48 19.58 10.22
C PRO A 69 -18.11 19.78 10.83
N ASN A 70 -18.03 19.91 12.16
CA ASN A 70 -16.75 20.24 12.79
C ASN A 70 -15.81 19.04 12.80
N LEU A 71 -16.35 17.84 13.07
CA LEU A 71 -15.53 16.64 13.01
C LEU A 71 -15.02 16.36 11.60
N VAL A 72 -15.91 16.46 10.61
CA VAL A 72 -15.49 16.21 9.24
C VAL A 72 -14.44 17.21 8.80
N HIS A 73 -14.47 18.43 9.35
CA HIS A 73 -13.43 19.40 8.99
C HIS A 73 -12.07 18.98 9.54
N MET A 74 -12.02 18.52 10.79
CA MET A 74 -10.76 18.02 11.35
C MET A 74 -10.25 16.78 10.60
N LEU A 75 -11.16 15.86 10.25
CA LEU A 75 -10.77 14.67 9.50
C LEU A 75 -10.19 15.04 8.14
N ALA A 76 -10.85 15.93 7.40
CA ALA A 76 -10.38 16.27 6.06
C ALA A 76 -9.22 17.25 6.04
N ASP A 77 -8.89 17.86 7.17
CA ASP A 77 -7.93 18.94 7.29
C ASP A 77 -6.49 18.47 7.09
N PRO A 78 -5.84 18.79 5.98
CA PRO A 78 -4.48 18.24 5.72
C PRO A 78 -3.39 18.80 6.63
N ALA A 79 -3.69 19.83 7.42
CA ALA A 79 -2.69 20.44 8.28
C ALA A 79 -2.51 19.68 9.59
N ARG A 80 -3.54 18.97 10.07
CA ARG A 80 -3.44 18.23 11.31
C ARG A 80 -3.50 16.73 11.03
N GLN A 81 -2.43 16.04 11.40
CA GLN A 81 -2.35 14.59 11.27
C GLN A 81 -3.38 13.90 12.16
N LYS A 82 -3.88 12.77 11.70
CA LYS A 82 -4.81 11.95 12.48
C LYS A 82 -4.11 10.66 12.89
N ILE A 83 -4.21 10.31 14.17
CA ILE A 83 -3.53 9.14 14.73
C ILE A 83 -4.58 8.08 15.13
N PHE A 84 -4.52 6.92 14.47
CA PHE A 84 -5.27 5.73 14.89
C PHE A 84 -4.31 4.61 15.24
N HIS A 85 -4.78 3.68 16.09
CA HIS A 85 -4.16 2.36 16.20
C HIS A 85 -4.97 1.40 15.32
N TYR A 86 -4.42 1.05 14.16
CA TYR A 86 -5.11 0.33 13.07
C TYR A 86 -6.15 1.23 12.41
N GLY A 87 -5.67 2.24 11.68
CA GLY A 87 -6.58 3.18 11.03
C GLY A 87 -7.31 2.63 9.83
N ARG A 88 -6.85 1.50 9.29
CA ARG A 88 -7.49 0.92 8.13
C ARG A 88 -8.99 0.75 8.34
N PHE A 89 -9.41 0.36 9.54
CA PHE A 89 -10.82 0.14 9.79
C PHE A 89 -11.56 1.47 9.98
N ASP A 90 -11.05 2.32 10.86
CA ASP A 90 -11.79 3.54 11.18
C ASP A 90 -11.86 4.49 10.00
N ILE A 91 -10.82 4.54 9.16
CA ILE A 91 -10.86 5.38 7.97
C ILE A 91 -11.98 4.92 7.04
N ALA A 92 -12.17 3.61 6.92
CA ALA A 92 -13.27 3.09 6.11
C ALA A 92 -14.63 3.45 6.71
N VAL A 93 -14.75 3.40 8.04
CA VAL A 93 -16.02 3.71 8.69
C VAL A 93 -16.39 5.17 8.50
N LEU A 94 -15.40 6.07 8.63
CA LEU A 94 -15.67 7.50 8.48
C LEU A 94 -15.99 7.85 7.04
N PHE A 95 -15.33 7.20 6.08
CA PHE A 95 -15.67 7.44 4.68
C PHE A 95 -17.07 6.95 4.37
N HIS A 96 -17.45 5.76 4.88
CA HIS A 96 -18.78 5.21 4.60
C HIS A 96 -19.87 6.05 5.27
N THR A 97 -19.60 6.58 6.46
CA THR A 97 -20.60 7.33 7.21
C THR A 97 -20.73 8.77 6.72
N PHE A 98 -19.62 9.43 6.39
CA PHE A 98 -19.60 10.88 6.15
C PHE A 98 -19.15 11.29 4.76
N GLY A 99 -18.63 10.38 3.93
CA GLY A 99 -18.01 10.77 2.68
C GLY A 99 -16.65 11.41 2.82
N VAL A 100 -16.13 11.52 4.04
CA VAL A 100 -14.86 12.18 4.29
C VAL A 100 -13.72 11.17 4.19
N THR A 101 -12.64 11.59 3.54
CA THR A 101 -11.40 10.83 3.47
C THR A 101 -10.43 11.43 4.48
N THR A 102 -10.16 10.68 5.57
CA THR A 102 -9.30 11.22 6.62
C THR A 102 -7.84 11.20 6.17
N THR A 103 -7.14 12.31 6.39
CA THR A 103 -5.77 12.51 5.88
C THR A 103 -5.13 13.77 6.47
N PRO A 104 -3.80 13.77 6.70
CA PRO A 104 -2.92 12.59 6.60
C PRO A 104 -3.01 11.77 7.90
N VAL A 105 -2.57 10.53 7.87
CA VAL A 105 -2.73 9.66 9.02
C VAL A 105 -1.38 9.14 9.49
N PHE A 106 -1.32 8.81 10.77
CA PHE A 106 -0.27 7.99 11.35
C PHE A 106 -0.96 6.80 11.99
N CYS A 107 -0.52 5.58 11.66
CA CYS A 107 -1.11 4.36 12.22
C CYS A 107 -0.12 3.69 13.15
N THR A 108 -0.44 3.67 14.45
CA THR A 108 0.51 3.09 15.40
C THR A 108 0.59 1.56 15.27
N LYS A 109 -0.41 0.93 14.64
CA LYS A 109 -0.30 -0.52 14.46
C LYS A 109 0.61 -0.87 13.29
N ILE A 110 0.50 -0.13 12.19
CA ILE A 110 1.50 -0.31 11.12
C ILE A 110 2.90 0.02 11.63
N ALA A 111 3.02 1.08 12.43
CA ALA A 111 4.29 1.40 13.07
C ALA A 111 4.76 0.27 13.97
N SER A 112 3.87 -0.24 14.82
CA SER A 112 4.26 -1.33 15.72
C SER A 112 4.82 -2.52 14.93
N ARG A 113 4.15 -2.87 13.83
CA ARG A 113 4.59 -4.01 13.04
C ARG A 113 5.93 -3.76 12.37
N LEU A 114 6.21 -2.51 11.99
CA LEU A 114 7.40 -2.20 11.22
C LEU A 114 8.67 -2.11 12.08
N CYS A 115 8.54 -1.82 13.38
CA CYS A 115 9.72 -1.70 14.25
C CYS A 115 9.73 -2.64 15.44
N ARG A 116 8.56 -3.09 15.93
CA ARG A 116 8.50 -4.05 17.04
C ARG A 116 8.55 -5.49 16.48
N THR A 117 9.68 -5.78 15.85
CA THR A 117 9.89 -6.98 15.07
C THR A 117 10.17 -8.21 15.93
N TYR A 118 10.34 -8.04 17.24
CA TYR A 118 10.64 -9.11 18.18
C TYR A 118 9.37 -9.70 18.76
N THR A 119 8.20 -9.21 18.33
CA THR A 119 6.97 -9.68 18.94
C THR A 119 5.84 -9.77 17.91
N ASP A 120 4.87 -10.59 18.27
CA ASP A 120 3.64 -10.82 17.52
C ASP A 120 2.45 -10.06 18.10
N ARG A 121 2.60 -9.44 19.27
CA ARG A 121 1.52 -8.74 19.96
C ARG A 121 1.59 -7.27 19.57
N HIS A 122 0.77 -6.87 18.59
CA HIS A 122 0.76 -5.51 18.09
C HIS A 122 -0.56 -4.80 18.39
N GLY A 123 -1.31 -5.31 19.37
CA GLY A 123 -2.47 -4.60 19.84
C GLY A 123 -2.09 -3.34 20.60
N LEU A 124 -3.10 -2.50 20.82
CA LEU A 124 -2.86 -1.25 21.54
C LEU A 124 -2.41 -1.55 22.96
N LYS A 125 -3.07 -2.49 23.62
CA LYS A 125 -2.82 -2.73 25.03
C LYS A 125 -1.33 -3.06 25.29
N ASP A 126 -0.77 -3.98 24.50
CA ASP A 126 0.63 -4.37 24.70
C ASP A 126 1.59 -3.32 24.19
N ASN A 127 1.19 -2.58 23.15
CA ASN A 127 2.01 -1.46 22.71
C ASN A 127 2.17 -0.41 23.82
N LEU A 128 1.10 -0.09 24.51
CA LEU A 128 1.13 0.91 25.54
C LEU A 128 1.92 0.46 26.73
N LYS A 129 1.77 -0.80 27.07
CA LYS A 129 2.46 -1.32 28.22
C LYS A 129 3.96 -1.32 28.02
N GLU A 130 4.40 -1.67 26.85
CA GLU A 130 5.81 -1.71 26.61
C GLU A 130 6.38 -0.37 26.23
N MET A 131 5.67 0.41 25.45
CA MET A 131 6.29 1.65 25.01
C MET A 131 6.15 2.77 26.04
N LEU A 132 5.08 2.78 26.83
CA LEU A 132 4.78 3.89 27.73
C LEU A 132 4.65 3.47 29.20
N GLU A 133 4.60 2.16 29.48
CA GLU A 133 4.34 1.62 30.81
C GLU A 133 2.97 2.08 31.32
N VAL A 134 1.96 1.97 30.45
CA VAL A 134 0.58 2.31 30.74
C VAL A 134 -0.24 1.04 30.69
N ASP A 135 -1.23 0.91 31.59
CA ASP A 135 -2.24 -0.14 31.55
C ASP A 135 -3.54 0.43 31.03
N ILE A 136 -4.14 -0.26 30.06
CA ILE A 136 -5.54 -0.07 29.75
C ILE A 136 -6.20 -1.42 29.92
N SER A 137 -7.52 -1.40 30.06
CA SER A 137 -8.32 -2.60 30.27
C SER A 137 -9.21 -2.82 29.05
N LYS A 138 -9.11 -4.00 28.45
CA LYS A 138 -10.14 -4.42 27.50
C LYS A 138 -11.44 -4.69 28.26
N ALA A 139 -12.57 -4.29 27.67
CA ALA A 139 -13.85 -4.55 28.30
C ALA A 139 -14.00 -6.04 28.59
N GLN A 140 -14.63 -6.36 29.72
CA GLN A 140 -14.85 -7.76 30.08
C GLN A 140 -15.68 -8.48 29.02
N GLN A 141 -16.69 -7.81 28.46
CA GLN A 141 -17.41 -8.28 27.29
C GLN A 141 -17.70 -7.11 26.37
N SER A 142 -17.66 -7.39 25.06
CA SER A 142 -18.04 -6.40 24.05
C SER A 142 -19.45 -5.87 24.36
N SER A 143 -19.65 -4.59 24.08
CA SER A 143 -20.81 -3.86 24.58
C SER A 143 -21.64 -3.32 23.42
N ASP A 144 -22.88 -2.96 23.73
CA ASP A 144 -23.75 -2.25 22.79
C ASP A 144 -23.39 -0.76 22.80
N TRP A 145 -22.61 -0.35 21.79
CA TRP A 145 -22.16 1.03 21.62
C TRP A 145 -23.22 1.95 21.06
N ALA A 146 -24.35 1.39 20.61
CA ALA A 146 -25.52 2.15 20.19
C ALA A 146 -26.56 2.24 21.29
N ALA A 147 -26.16 2.10 22.55
CA ALA A 147 -27.10 2.18 23.66
C ALA A 147 -27.66 3.59 23.81
N GLU A 148 -28.85 3.67 24.41
CA GLU A 148 -29.52 4.96 24.58
C GLU A 148 -28.69 5.91 25.44
N THR A 149 -27.98 5.38 26.43
CA THR A 149 -27.08 6.16 27.25
C THR A 149 -25.79 5.38 27.39
N LEU A 150 -24.71 5.94 26.87
CA LEU A 150 -23.40 5.36 27.11
C LEU A 150 -23.08 5.40 28.60
N SER A 151 -22.71 4.25 29.15
CA SER A 151 -22.36 4.12 30.57
C SER A 151 -21.16 4.98 30.92
N PRO A 152 -20.87 5.19 32.20
CA PRO A 152 -19.57 5.81 32.52
C PRO A 152 -18.41 4.93 32.07
N ALA A 153 -18.52 3.61 32.25
CA ALA A 153 -17.45 2.70 31.86
C ALA A 153 -17.20 2.76 30.36
N GLN A 154 -18.27 2.88 29.57
CA GLN A 154 -18.12 2.97 28.12
C GLN A 154 -17.37 4.22 27.71
N LEU A 155 -17.70 5.37 28.32
CA LEU A 155 -17.02 6.60 27.96
C LEU A 155 -15.55 6.54 28.37
N GLU A 156 -15.23 5.89 29.49
CA GLU A 156 -13.84 5.73 29.90
C GLU A 156 -13.08 4.77 29.00
N TYR A 157 -13.72 3.69 28.53
CA TYR A 157 -13.05 2.80 27.59
C TYR A 157 -12.82 3.49 26.24
N ALA A 158 -13.83 4.21 25.74
CA ALA A 158 -13.67 4.96 24.50
C ALA A 158 -12.51 5.94 24.62
N ALA A 159 -12.50 6.74 25.70
CA ALA A 159 -11.45 7.73 25.93
C ALA A 159 -10.06 7.10 25.97
N SER A 160 -9.91 5.99 26.70
CA SER A 160 -8.58 5.39 26.81
C SER A 160 -8.03 4.98 25.45
N ASP A 161 -8.89 4.79 24.45
CA ASP A 161 -8.45 4.42 23.11
C ASP A 161 -7.61 5.52 22.47
N VAL A 162 -7.68 6.76 22.96
CA VAL A 162 -7.03 7.87 22.28
C VAL A 162 -6.13 8.69 23.20
N LEU A 163 -6.22 8.47 24.51
CA LEU A 163 -5.49 9.32 25.46
C LEU A 163 -3.99 9.20 25.31
N TYR A 164 -3.47 8.08 24.80
CA TYR A 164 -2.04 7.87 24.75
C TYR A 164 -1.48 7.80 23.33
N LEU A 165 -2.28 8.13 22.31
CA LEU A 165 -1.83 7.86 20.93
C LEU A 165 -0.72 8.81 20.49
N HIS A 166 -0.78 10.08 20.93
CA HIS A 166 0.35 10.99 20.70
C HIS A 166 1.65 10.41 21.26
N ALA A 167 1.63 10.02 22.53
CA ALA A 167 2.86 9.54 23.16
C ALA A 167 3.35 8.25 22.53
N LEU A 168 2.42 7.39 22.08
CA LEU A 168 2.81 6.14 21.44
C LEU A 168 3.33 6.38 20.03
N ARG A 169 2.69 7.27 19.28
CA ARG A 169 3.23 7.69 17.99
C ARG A 169 4.69 8.14 18.11
N ASP A 170 4.99 8.96 19.13
CA ASP A 170 6.33 9.52 19.30
C ASP A 170 7.35 8.46 19.67
N LYS A 171 6.96 7.50 20.52
CA LYS A 171 7.94 6.48 20.85
C LYS A 171 8.18 5.53 19.69
N LEU A 172 7.12 5.19 18.93
CA LEU A 172 7.29 4.31 17.77
C LEU A 172 8.01 5.01 16.64
N THR A 173 7.80 6.32 16.49
CA THR A 173 8.56 7.07 15.50
C THR A 173 10.06 7.00 15.81
N ALA A 174 10.45 7.20 17.07
CA ALA A 174 11.88 7.15 17.40
C ALA A 174 12.47 5.75 17.14
N ARG A 175 11.65 4.69 17.27
CA ARG A 175 12.09 3.33 16.95
C ARG A 175 12.23 3.14 15.44
N LEU A 176 11.25 3.63 14.67
CA LEU A 176 11.33 3.54 13.21
C LEU A 176 12.55 4.29 12.70
N ILE A 177 12.87 5.44 13.29
CA ILE A 177 14.08 6.16 12.92
C ILE A 177 15.31 5.36 13.31
N ARG A 178 15.34 4.85 14.54
CA ARG A 178 16.50 4.10 15.00
C ARG A 178 16.77 2.89 14.11
N ASP A 179 15.71 2.19 13.67
CA ASP A 179 15.88 0.94 12.92
C ASP A 179 15.65 1.11 11.43
N GLY A 180 15.49 2.34 10.95
CA GLY A 180 15.67 2.61 9.54
C GLY A 180 14.48 2.36 8.66
N ARG A 181 13.26 2.51 9.18
CA ARG A 181 12.06 2.18 8.42
C ARG A 181 11.01 3.27 8.52
N ILE A 182 11.39 4.50 8.88
CA ILE A 182 10.40 5.56 8.92
C ILE A 182 9.86 5.84 7.52
N GLU A 183 10.68 5.66 6.47
CA GLU A 183 10.19 5.94 5.12
C GLU A 183 9.21 4.87 4.68
N HIS A 184 9.53 3.60 4.96
CA HIS A 184 8.58 2.52 4.74
C HIS A 184 7.26 2.81 5.44
N ALA A 185 7.32 3.37 6.66
CA ALA A 185 6.11 3.64 7.42
C ALA A 185 5.28 4.75 6.77
N ASP A 186 5.95 5.85 6.36
CA ASP A 186 5.25 6.96 5.73
C ASP A 186 4.57 6.51 4.44
N ALA A 187 5.28 5.73 3.62
CA ALA A 187 4.63 5.21 2.43
C ALA A 187 3.37 4.41 2.78
N CYS A 188 3.44 3.59 3.84
CA CYS A 188 2.24 2.88 4.31
C CYS A 188 1.12 3.87 4.61
N PHE A 189 1.43 4.90 5.40
CA PHE A 189 0.37 5.81 5.81
C PHE A 189 -0.28 6.46 4.61
N ALA A 190 0.51 6.76 3.57
CA ALA A 190 -0.02 7.40 2.37
C ALA A 190 -0.97 6.47 1.62
N PHE A 191 -0.63 5.19 1.52
CA PHE A 191 -1.54 4.25 0.87
C PHE A 191 -2.80 3.93 1.70
N LEU A 192 -2.73 4.08 3.02
CA LEU A 192 -3.77 3.55 3.90
C LEU A 192 -5.20 4.02 3.58
N PRO A 193 -5.46 5.26 3.19
CA PRO A 193 -6.85 5.57 2.79
C PRO A 193 -7.29 4.77 1.57
N THR A 194 -6.45 4.59 0.55
CA THR A 194 -6.86 3.73 -0.56
C THR A 194 -7.13 2.32 -0.06
N ARG A 195 -6.26 1.82 0.84
CA ARG A 195 -6.45 0.50 1.41
C ARG A 195 -7.82 0.36 2.05
N ALA A 196 -8.26 1.39 2.77
CA ALA A 196 -9.57 1.35 3.41
C ALA A 196 -10.70 1.45 2.40
N LYS A 197 -10.51 2.19 1.31
CA LYS A 197 -11.56 2.28 0.30
C LYS A 197 -11.71 0.98 -0.45
N LEU A 198 -10.61 0.27 -0.67
CA LEU A 198 -10.65 -1.05 -1.28
C LEU A 198 -11.33 -2.07 -0.38
N ASP A 199 -11.24 -1.88 0.96
CA ASP A 199 -12.00 -2.70 1.88
C ASP A 199 -13.49 -2.57 1.61
N LEU A 200 -13.99 -1.33 1.57
CA LEU A 200 -15.41 -1.07 1.42
C LEU A 200 -15.95 -1.63 0.11
N LEU A 201 -15.13 -1.67 -0.94
CA LEU A 201 -15.56 -2.20 -2.23
C LEU A 201 -15.53 -3.73 -2.30
N GLY A 202 -15.09 -4.43 -1.26
CA GLY A 202 -15.12 -5.89 -1.23
C GLY A 202 -13.78 -6.60 -1.33
N TRP A 203 -12.67 -5.89 -1.52
CA TRP A 203 -11.34 -6.50 -1.53
C TRP A 203 -10.77 -6.70 -0.12
N ASP A 204 -11.63 -6.65 0.88
CA ASP A 204 -11.20 -6.53 2.27
C ASP A 204 -10.48 -7.77 2.79
N GLU A 205 -10.68 -8.95 2.19
CA GLU A 205 -10.00 -10.16 2.63
C GLU A 205 -8.93 -10.61 1.65
N THR A 206 -8.43 -9.71 0.81
CA THR A 206 -7.31 -10.02 -0.07
C THR A 206 -6.37 -8.83 -0.09
N ASP A 207 -5.09 -9.11 -0.27
CA ASP A 207 -4.04 -8.09 -0.39
C ASP A 207 -3.89 -7.77 -1.88
N ILE A 208 -4.26 -6.55 -2.27
CA ILE A 208 -4.25 -6.15 -3.69
C ILE A 208 -2.87 -6.30 -4.32
N PHE A 209 -1.79 -6.35 -3.53
CA PHE A 209 -0.43 -6.51 -4.05
C PHE A 209 0.01 -7.97 -4.19
N ALA A 210 -0.81 -8.95 -3.82
CA ALA A 210 -0.44 -10.34 -4.05
C ALA A 210 -0.83 -10.75 -5.47
N HIS A 211 -0.44 -11.96 -5.86
CA HIS A 211 -0.95 -12.50 -7.12
C HIS A 211 -2.46 -12.73 -7.06
N SER A 212 -2.96 -13.13 -5.89
CA SER A 212 -4.39 -13.40 -5.70
C SER A 212 -4.81 -13.11 -4.24
N ALA B 7 16.85 -4.74 -36.11
CA ALA B 7 16.32 -6.06 -35.80
C ALA B 7 15.08 -5.96 -34.90
N THR B 8 14.34 -7.07 -34.85
CA THR B 8 13.17 -7.14 -33.98
C THR B 8 13.55 -7.14 -32.51
N ILE B 9 14.62 -7.85 -32.17
CA ILE B 9 15.15 -7.93 -30.82
C ILE B 9 16.59 -7.47 -30.83
N ARG B 10 16.95 -6.57 -29.93
CA ARG B 10 18.30 -6.03 -29.89
C ARG B 10 19.00 -6.51 -28.63
N TYR B 11 20.16 -7.15 -28.81
CA TYR B 11 20.90 -7.77 -27.71
C TYR B 11 21.95 -6.82 -27.15
N HIS B 12 22.17 -6.90 -25.84
CA HIS B 12 23.21 -6.13 -25.17
C HIS B 12 23.82 -7.01 -24.09
N GLU B 13 25.12 -6.81 -23.85
CA GLU B 13 25.83 -7.42 -22.74
C GLU B 13 25.99 -6.39 -21.63
N GLY B 14 25.44 -6.69 -20.46
CA GLY B 14 25.72 -5.87 -19.30
C GLY B 14 24.89 -4.61 -19.15
N ASP B 15 24.66 -3.89 -20.25
CA ASP B 15 23.90 -2.64 -20.20
C ASP B 15 23.38 -2.31 -21.59
N ILE B 16 22.29 -1.55 -21.63
CA ILE B 16 21.75 -1.10 -22.91
C ILE B 16 22.64 0.01 -23.47
N SER B 17 22.85 -0.01 -24.79
CA SER B 17 23.68 1.02 -25.41
C SER B 17 22.99 2.37 -25.31
N ALA B 18 23.78 3.44 -25.35
CA ALA B 18 23.18 4.78 -25.34
C ALA B 18 22.25 4.97 -26.55
N GLU B 19 22.63 4.45 -27.72
CA GLU B 19 21.81 4.58 -28.92
C GLU B 19 20.43 3.99 -28.67
N ASP B 20 20.39 2.77 -28.12
CA ASP B 20 19.12 2.08 -27.93
C ASP B 20 18.36 2.60 -26.71
N ALA B 21 19.07 3.07 -25.67
CA ALA B 21 18.41 3.76 -24.56
C ALA B 21 17.72 5.04 -25.03
N ALA B 22 18.14 5.62 -26.15
CA ALA B 22 17.55 6.86 -26.63
C ALA B 22 16.23 6.67 -27.34
N ARG B 23 15.90 5.42 -27.75
CA ARG B 23 14.60 5.13 -28.33
C ARG B 23 13.47 5.36 -27.35
N TYR B 24 13.77 5.29 -26.06
CA TYR B 24 12.77 5.40 -25.01
C TYR B 24 12.56 6.87 -24.68
N LYS B 25 11.59 7.48 -25.36
CA LYS B 25 11.20 8.84 -25.03
C LYS B 25 9.95 8.91 -24.17
N GLY B 26 9.23 7.81 -24.01
CA GLY B 26 8.12 7.77 -23.09
C GLY B 26 8.19 6.61 -22.14
N ALA B 27 7.08 5.89 -22.00
CA ALA B 27 7.03 4.77 -21.08
C ALA B 27 8.00 3.68 -21.50
N ILE B 28 8.59 3.01 -20.52
CA ILE B 28 9.49 1.88 -20.73
C ILE B 28 8.79 0.62 -20.22
N ALA B 29 8.58 -0.35 -21.09
CA ALA B 29 8.04 -1.64 -20.67
C ALA B 29 9.19 -2.56 -20.27
N ILE B 30 9.04 -3.24 -19.14
CA ILE B 30 10.13 -4.01 -18.63
C ILE B 30 9.77 -5.26 -17.83
N ASP B 31 10.57 -6.29 -17.99
CA ASP B 31 10.51 -7.50 -17.21
C ASP B 31 11.92 -8.00 -17.05
N THR B 32 12.14 -8.85 -16.07
CA THR B 32 13.43 -9.47 -15.85
C THR B 32 13.30 -10.99 -15.92
N GLU B 33 14.45 -11.65 -16.01
CA GLU B 33 14.57 -13.09 -15.83
C GLU B 33 15.68 -13.34 -14.82
N THR B 34 15.47 -14.34 -13.97
CA THR B 34 16.37 -14.63 -12.86
C THR B 34 16.53 -16.14 -12.72
N LEU B 35 17.34 -16.55 -11.75
CA LEU B 35 17.49 -17.96 -11.41
C LEU B 35 16.39 -18.49 -10.48
N GLY B 36 15.36 -17.71 -10.20
CA GLY B 36 14.31 -18.13 -9.30
C GLY B 36 13.67 -16.94 -8.60
N LEU B 37 12.93 -17.24 -7.55
CA LEU B 37 12.05 -16.24 -6.96
C LEU B 37 12.54 -15.70 -5.63
N VAL B 38 13.74 -16.06 -5.19
CA VAL B 38 14.32 -15.47 -3.99
C VAL B 38 15.45 -14.54 -4.43
N PRO B 39 15.25 -13.22 -4.38
CA PRO B 39 16.27 -12.29 -4.86
C PRO B 39 17.63 -12.46 -4.19
N ARG B 40 17.66 -12.77 -2.90
CA ARG B 40 18.95 -12.91 -2.22
C ARG B 40 19.65 -14.22 -2.60
N ARG B 41 18.92 -15.17 -3.16
CA ARG B 41 19.51 -16.43 -3.57
C ARG B 41 19.72 -16.53 -5.08
N ASP B 42 18.77 -16.02 -5.87
CA ASP B 42 18.71 -16.26 -7.32
C ASP B 42 19.02 -14.98 -8.08
N ARG B 43 20.15 -14.98 -8.79
CA ARG B 43 20.68 -13.74 -9.36
C ARG B 43 19.84 -13.27 -10.54
N LEU B 44 19.95 -11.96 -10.80
CA LEU B 44 19.42 -11.36 -12.01
C LEU B 44 20.26 -11.76 -13.21
N CYS B 45 19.57 -12.17 -14.28
CA CYS B 45 20.15 -12.73 -15.49
C CYS B 45 19.84 -11.93 -16.74
N VAL B 46 18.61 -11.43 -16.87
CA VAL B 46 18.17 -10.72 -18.07
C VAL B 46 17.26 -9.57 -17.64
N VAL B 47 17.45 -8.41 -18.30
CA VAL B 47 16.48 -7.32 -18.28
C VAL B 47 16.01 -7.11 -19.71
N GLN B 48 14.70 -7.16 -19.91
CA GLN B 48 14.11 -6.99 -21.23
C GLN B 48 13.29 -5.70 -21.23
N LEU B 49 13.42 -4.92 -22.31
CA LEU B 49 12.77 -3.62 -22.40
C LEU B 49 12.08 -3.50 -23.75
N SER B 50 11.09 -2.61 -23.83
CA SER B 50 10.49 -2.25 -25.10
C SER B 50 9.92 -0.85 -24.98
N SER B 51 10.01 -0.10 -26.07
CA SER B 51 9.52 1.26 -26.13
C SER B 51 8.11 1.33 -26.68
N GLY B 52 7.58 0.20 -27.12
CA GLY B 52 6.22 0.07 -27.59
C GLY B 52 6.10 -0.17 -29.08
N ASP B 53 7.20 -0.27 -29.80
CA ASP B 53 7.17 -0.22 -31.25
C ASP B 53 7.28 -1.61 -31.89
N GLY B 54 7.03 -2.66 -31.12
CA GLY B 54 7.22 -4.00 -31.62
C GLY B 54 8.64 -4.54 -31.49
N THR B 55 9.57 -3.74 -30.99
CA THR B 55 10.95 -4.18 -30.82
C THR B 55 11.37 -4.15 -29.36
N ALA B 56 12.33 -5.02 -29.03
CA ALA B 56 12.80 -5.17 -27.67
C ALA B 56 14.31 -5.02 -27.59
N ASP B 57 14.76 -4.57 -26.42
CA ASP B 57 16.15 -4.68 -26.00
C ASP B 57 16.23 -5.74 -24.92
N VAL B 58 17.08 -6.73 -25.14
CA VAL B 58 17.31 -7.81 -24.19
C VAL B 58 18.76 -7.69 -23.71
N ILE B 59 18.92 -7.40 -22.42
CA ILE B 59 20.22 -7.11 -21.79
C ILE B 59 20.60 -8.30 -20.92
N ARG B 60 21.72 -8.94 -21.23
CA ARG B 60 22.17 -10.08 -20.43
C ARG B 60 23.00 -9.57 -19.26
N ILE B 61 22.61 -9.93 -18.03
CA ILE B 61 23.28 -9.51 -16.83
C ILE B 61 24.23 -10.60 -16.39
N ALA B 62 25.46 -10.22 -16.03
CA ALA B 62 26.48 -11.19 -15.69
C ALA B 62 26.46 -11.46 -14.19
N ALA B 63 27.02 -12.60 -13.81
CA ALA B 63 27.09 -12.95 -12.39
C ALA B 63 27.83 -11.85 -11.63
N GLY B 64 27.29 -11.50 -10.46
CA GLY B 64 27.96 -10.56 -9.60
C GLY B 64 27.94 -9.12 -10.06
N GLN B 65 27.43 -8.85 -11.27
CA GLN B 65 27.39 -7.48 -11.79
C GLN B 65 26.42 -6.63 -10.95
N LYS B 66 26.94 -5.56 -10.35
CA LYS B 66 26.13 -4.67 -9.51
C LYS B 66 25.91 -3.30 -10.16
N GLN B 67 26.17 -3.17 -11.46
CA GLN B 67 26.15 -1.89 -12.14
C GLN B 67 25.61 -2.03 -13.55
N ALA B 68 24.71 -1.12 -13.94
CA ALA B 68 24.30 -0.98 -15.34
C ALA B 68 23.88 0.46 -15.50
N PRO B 69 24.87 1.36 -15.73
CA PRO B 69 24.61 2.81 -15.60
C PRO B 69 23.47 3.34 -16.46
N ASN B 70 23.34 2.86 -17.69
CA ASN B 70 22.30 3.40 -18.55
C ASN B 70 20.94 2.80 -18.19
N LEU B 71 20.87 1.49 -18.02
CA LEU B 71 19.64 0.87 -17.52
C LEU B 71 19.20 1.52 -16.23
N VAL B 72 20.14 1.74 -15.29
CA VAL B 72 19.77 2.28 -13.99
C VAL B 72 19.22 3.69 -14.14
N HIS B 73 19.81 4.47 -15.05
CA HIS B 73 19.32 5.81 -15.29
C HIS B 73 17.85 5.79 -15.77
N MET B 74 17.55 4.93 -16.74
CA MET B 74 16.18 4.78 -17.20
C MET B 74 15.25 4.39 -16.04
N LEU B 75 15.65 3.40 -15.24
CA LEU B 75 14.80 2.88 -14.16
C LEU B 75 14.54 3.95 -13.09
N ALA B 76 15.53 4.80 -12.83
CA ALA B 76 15.44 5.85 -11.82
C ALA B 76 14.71 7.09 -12.29
N ASP B 77 14.44 7.21 -13.59
CA ASP B 77 14.03 8.49 -14.20
C ASP B 77 12.55 8.78 -13.97
N PRO B 78 12.23 9.76 -13.11
CA PRO B 78 10.81 10.05 -12.81
C PRO B 78 10.02 10.60 -13.99
N ALA B 79 10.69 10.97 -15.08
CA ALA B 79 10.00 11.45 -16.27
C ALA B 79 9.48 10.32 -17.13
N ARG B 80 9.93 9.09 -16.95
CA ARG B 80 9.46 7.99 -17.79
C ARG B 80 8.90 6.87 -16.92
N GLN B 81 7.62 6.56 -17.14
CA GLN B 81 6.95 5.48 -16.45
C GLN B 81 7.50 4.14 -16.91
N LYS B 82 7.73 3.24 -15.95
CA LYS B 82 8.13 1.87 -16.22
C LYS B 82 6.93 0.95 -16.03
N ILE B 83 6.66 0.10 -17.02
CA ILE B 83 5.47 -0.75 -17.04
C ILE B 83 5.88 -2.20 -16.83
N PHE B 84 5.31 -2.84 -15.79
CA PHE B 84 5.49 -4.26 -15.53
C PHE B 84 4.12 -4.95 -15.48
N HIS B 85 4.13 -6.28 -15.67
CA HIS B 85 3.02 -7.13 -15.25
C HIS B 85 3.45 -7.89 -13.99
N TYR B 86 2.99 -7.39 -12.82
CA TYR B 86 3.46 -7.75 -11.48
C TYR B 86 4.82 -7.14 -11.17
N GLY B 87 4.89 -5.80 -11.11
CA GLY B 87 6.14 -5.11 -10.81
C GLY B 87 6.72 -5.44 -9.44
N ARG B 88 5.86 -5.78 -8.47
CA ARG B 88 6.28 -6.09 -7.11
C ARG B 88 7.57 -6.92 -7.08
N PHE B 89 7.66 -7.96 -7.89
CA PHE B 89 8.86 -8.80 -7.86
C PHE B 89 10.05 -8.13 -8.55
N ASP B 90 9.87 -7.65 -9.78
CA ASP B 90 11.01 -7.14 -10.54
C ASP B 90 11.59 -5.88 -9.93
N ILE B 91 10.75 -5.03 -9.34
CA ILE B 91 11.25 -3.88 -8.61
C ILE B 91 12.17 -4.34 -7.49
N ALA B 92 11.81 -5.43 -6.82
CA ALA B 92 12.68 -5.93 -5.75
C ALA B 92 14.00 -6.46 -6.30
N VAL B 93 13.94 -7.18 -7.43
CA VAL B 93 15.15 -7.71 -8.03
C VAL B 93 16.10 -6.57 -8.43
N LEU B 94 15.54 -5.55 -9.08
CA LEU B 94 16.37 -4.43 -9.50
C LEU B 94 16.93 -3.70 -8.29
N PHE B 95 16.14 -3.53 -7.23
CA PHE B 95 16.69 -2.86 -6.05
C PHE B 95 17.78 -3.68 -5.38
N HIS B 96 17.58 -5.00 -5.25
CA HIS B 96 18.62 -5.87 -4.69
C HIS B 96 19.89 -5.86 -5.54
N THR B 97 19.76 -5.97 -6.86
CA THR B 97 20.95 -6.06 -7.72
C THR B 97 21.68 -4.74 -7.84
N PHE B 98 20.95 -3.66 -8.16
CA PHE B 98 21.58 -2.42 -8.57
C PHE B 98 21.53 -1.32 -7.51
N GLY B 99 20.68 -1.45 -6.50
CA GLY B 99 20.43 -0.36 -5.57
C GLY B 99 19.47 0.69 -6.05
N VAL B 100 18.83 0.47 -7.19
CA VAL B 100 18.01 1.48 -7.84
C VAL B 100 16.54 1.29 -7.44
N THR B 101 15.87 2.40 -7.12
CA THR B 101 14.44 2.39 -6.83
C THR B 101 13.71 2.81 -8.12
N THR B 102 13.19 1.81 -8.84
CA THR B 102 12.46 2.07 -10.08
C THR B 102 11.22 2.87 -9.78
N THR B 103 11.05 3.97 -10.52
CA THR B 103 10.01 4.96 -10.26
C THR B 103 9.88 5.92 -11.44
N PRO B 104 8.65 6.36 -11.78
CA PRO B 104 7.39 5.78 -11.29
C PRO B 104 7.00 4.55 -12.12
N VAL B 105 6.04 3.76 -11.63
CA VAL B 105 5.73 2.48 -12.25
C VAL B 105 4.24 2.35 -12.47
N PHE B 106 3.88 1.54 -13.45
CA PHE B 106 2.52 1.14 -13.72
C PHE B 106 2.57 -0.37 -13.78
N CYS B 107 1.66 -1.03 -13.07
CA CYS B 107 1.60 -2.49 -12.98
C CYS B 107 0.31 -2.98 -13.60
N THR B 108 0.44 -3.71 -14.71
CA THR B 108 -0.74 -4.23 -15.40
C THR B 108 -1.40 -5.38 -14.65
N LYS B 109 -0.71 -6.00 -13.69
CA LYS B 109 -1.40 -7.01 -12.88
C LYS B 109 -2.25 -6.36 -11.79
N ILE B 110 -1.71 -5.34 -11.10
CA ILE B 110 -2.54 -4.63 -10.12
C ILE B 110 -3.76 -4.02 -10.81
N ALA B 111 -3.55 -3.42 -11.99
CA ALA B 111 -4.66 -2.79 -12.71
C ALA B 111 -5.67 -3.83 -13.17
N SER B 112 -5.18 -5.01 -13.57
CA SER B 112 -6.06 -6.13 -13.92
C SER B 112 -6.91 -6.53 -12.72
N ARG B 113 -6.30 -6.68 -11.53
CA ARG B 113 -7.07 -7.09 -10.36
C ARG B 113 -8.06 -6.02 -9.96
N LEU B 114 -7.81 -4.76 -10.32
CA LEU B 114 -8.66 -3.64 -9.92
C LEU B 114 -9.84 -3.41 -10.84
N CYS B 115 -9.74 -3.75 -12.14
CA CYS B 115 -10.85 -3.54 -13.07
C CYS B 115 -11.45 -4.82 -13.65
N ARG B 116 -10.66 -5.87 -13.90
CA ARG B 116 -11.22 -7.10 -14.43
C ARG B 116 -11.79 -7.92 -13.28
N THR B 117 -12.85 -7.37 -12.68
CA THR B 117 -13.45 -7.92 -11.48
C THR B 117 -14.28 -9.18 -11.73
N TYR B 118 -14.45 -9.58 -12.98
CA TYR B 118 -15.31 -10.70 -13.35
C TYR B 118 -14.52 -11.99 -13.52
N THR B 119 -13.20 -11.94 -13.35
CA THR B 119 -12.40 -13.12 -13.56
C THR B 119 -11.39 -13.25 -12.42
N ASP B 120 -10.82 -14.45 -12.32
CA ASP B 120 -9.69 -14.69 -11.45
C ASP B 120 -8.41 -14.91 -12.22
N ARG B 121 -8.46 -14.86 -13.56
CA ARG B 121 -7.28 -15.06 -14.40
C ARG B 121 -6.57 -13.72 -14.62
N HIS B 122 -5.54 -13.42 -13.83
CA HIS B 122 -4.87 -12.13 -13.95
C HIS B 122 -3.42 -12.25 -14.44
N GLY B 123 -3.04 -13.42 -14.94
CA GLY B 123 -1.77 -13.53 -15.64
C GLY B 123 -1.73 -12.66 -16.89
N LEU B 124 -0.51 -12.46 -17.38
CA LEU B 124 -0.29 -11.64 -18.58
C LEU B 124 -0.90 -12.29 -19.82
N LYS B 125 -0.71 -13.61 -19.98
CA LYS B 125 -1.26 -14.33 -21.11
C LYS B 125 -2.78 -14.15 -21.19
N ASP B 126 -3.48 -14.37 -20.07
CA ASP B 126 -4.93 -14.16 -20.06
C ASP B 126 -5.28 -12.71 -20.36
N ASN B 127 -4.50 -11.77 -19.83
CA ASN B 127 -4.77 -10.36 -20.06
C ASN B 127 -4.61 -9.99 -21.53
N LEU B 128 -3.54 -10.47 -22.17
CA LEU B 128 -3.28 -10.08 -23.55
C LEU B 128 -4.31 -10.69 -24.48
N LYS B 129 -4.77 -11.90 -24.18
CA LYS B 129 -5.77 -12.57 -25.02
C LYS B 129 -7.11 -11.83 -24.98
N GLU B 130 -7.54 -11.39 -23.79
CA GLU B 130 -8.81 -10.68 -23.72
C GLU B 130 -8.66 -9.21 -24.07
N MET B 131 -7.60 -8.55 -23.61
CA MET B 131 -7.61 -7.11 -23.82
C MET B 131 -7.11 -6.73 -25.21
N LEU B 132 -6.29 -7.56 -25.82
CA LEU B 132 -5.67 -7.21 -27.09
C LEU B 132 -5.83 -8.28 -28.16
N GLU B 133 -6.35 -9.47 -27.80
CA GLU B 133 -6.51 -10.64 -28.66
C GLU B 133 -5.17 -11.24 -29.11
N VAL B 134 -4.10 -10.95 -28.41
CA VAL B 134 -2.78 -11.48 -28.69
C VAL B 134 -2.61 -12.81 -27.97
N ASP B 135 -1.94 -13.76 -28.61
CA ASP B 135 -1.54 -15.03 -28.00
C ASP B 135 -0.05 -15.02 -27.69
N ILE B 136 0.30 -15.41 -26.47
CA ILE B 136 1.67 -15.71 -26.08
C ILE B 136 1.64 -17.09 -25.44
N SER B 137 2.80 -17.74 -25.40
CA SER B 137 2.91 -19.08 -24.84
C SER B 137 3.92 -19.12 -23.70
N LYS B 138 3.68 -20.04 -22.79
CA LYS B 138 4.58 -20.29 -21.66
C LYS B 138 5.50 -21.45 -22.04
N ALA B 139 6.78 -21.31 -21.72
CA ALA B 139 7.76 -22.35 -22.06
C ALA B 139 7.39 -23.68 -21.42
N GLN B 140 7.80 -23.85 -20.16
CA GLN B 140 7.61 -25.09 -19.41
C GLN B 140 8.02 -24.87 -17.95
N GLN B 141 8.31 -23.60 -17.60
CA GLN B 141 8.69 -23.11 -16.26
C GLN B 141 10.17 -23.34 -15.96
N SER B 142 10.77 -24.34 -16.60
CA SER B 142 12.12 -24.79 -16.27
C SER B 142 13.08 -24.32 -17.36
N SER B 143 13.72 -23.17 -17.13
CA SER B 143 14.74 -22.71 -18.06
C SER B 143 15.85 -22.03 -17.26
N ASP B 144 17.09 -22.42 -17.53
CA ASP B 144 18.28 -21.79 -16.94
C ASP B 144 18.54 -20.48 -17.68
N TRP B 145 18.09 -19.37 -17.07
CA TRP B 145 18.29 -18.04 -17.63
C TRP B 145 19.71 -17.50 -17.42
N ALA B 146 20.60 -18.26 -16.79
CA ALA B 146 21.96 -17.82 -16.58
C ALA B 146 22.94 -18.44 -17.58
N ALA B 147 22.43 -19.13 -18.60
CA ALA B 147 23.30 -19.82 -19.55
C ALA B 147 24.31 -18.85 -20.17
N GLU B 148 25.47 -19.41 -20.51
CA GLU B 148 26.41 -18.79 -21.45
C GLU B 148 25.67 -18.01 -22.53
N THR B 149 24.96 -18.74 -23.38
CA THR B 149 24.33 -18.27 -24.60
C THR B 149 22.86 -18.60 -24.48
N LEU B 150 22.02 -17.58 -24.49
CA LEU B 150 20.60 -17.84 -24.45
C LEU B 150 20.15 -18.36 -25.80
N SER B 151 19.30 -19.39 -25.78
CA SER B 151 18.70 -19.85 -27.01
C SER B 151 17.90 -18.72 -27.65
N PRO B 152 17.62 -18.83 -28.95
CA PRO B 152 16.70 -17.86 -29.59
C PRO B 152 15.28 -17.99 -29.06
N ALA B 153 14.88 -19.19 -28.63
CA ALA B 153 13.62 -19.32 -27.92
C ALA B 153 13.64 -18.49 -26.64
N GLN B 154 14.69 -18.66 -25.84
CA GLN B 154 14.85 -17.85 -24.64
C GLN B 154 14.73 -16.37 -24.94
N LEU B 155 15.29 -15.93 -26.07
CA LEU B 155 15.24 -14.51 -26.41
C LEU B 155 13.82 -14.04 -26.73
N GLU B 156 13.04 -14.83 -27.49
CA GLU B 156 11.72 -14.31 -27.84
C GLU B 156 10.72 -14.41 -26.68
N TYR B 157 10.86 -15.42 -25.82
CA TYR B 157 10.08 -15.49 -24.59
C TYR B 157 10.25 -14.23 -23.75
N ALA B 158 11.51 -13.79 -23.58
CA ALA B 158 11.79 -12.60 -22.79
C ALA B 158 11.21 -11.34 -23.45
N ALA B 159 11.34 -11.24 -24.78
CA ALA B 159 10.85 -10.06 -25.47
C ALA B 159 9.32 -10.00 -25.48
N SER B 160 8.66 -11.15 -25.65
CA SER B 160 7.19 -11.18 -25.64
C SER B 160 6.60 -10.78 -24.29
N ASP B 161 7.42 -10.76 -23.23
CA ASP B 161 6.96 -10.29 -21.92
C ASP B 161 6.87 -8.77 -21.83
N VAL B 162 7.51 -8.04 -22.75
CA VAL B 162 7.49 -6.58 -22.72
C VAL B 162 6.93 -5.96 -23.99
N LEU B 163 6.65 -6.75 -25.03
CA LEU B 163 6.28 -6.17 -26.31
C LEU B 163 4.91 -5.50 -26.26
N TYR B 164 4.02 -5.99 -25.40
CA TYR B 164 2.63 -5.57 -25.39
C TYR B 164 2.24 -4.74 -24.17
N LEU B 165 3.17 -4.46 -23.26
CA LEU B 165 2.76 -3.85 -22.00
C LEU B 165 2.23 -2.44 -22.21
N HIS B 166 2.79 -1.69 -23.18
CA HIS B 166 2.23 -0.40 -23.53
C HIS B 166 0.76 -0.53 -23.92
N ALA B 167 0.47 -1.36 -24.93
CA ALA B 167 -0.91 -1.52 -25.37
C ALA B 167 -1.79 -1.97 -24.22
N LEU B 168 -1.33 -2.98 -23.46
CA LEU B 168 -2.11 -3.51 -22.35
C LEU B 168 -2.37 -2.44 -21.30
N ARG B 169 -1.35 -1.64 -20.99
CA ARG B 169 -1.56 -0.52 -20.07
C ARG B 169 -2.67 0.40 -20.56
N ASP B 170 -2.67 0.72 -21.85
CA ASP B 170 -3.69 1.61 -22.39
C ASP B 170 -5.07 0.98 -22.26
N LYS B 171 -5.20 -0.28 -22.64
CA LYS B 171 -6.51 -0.91 -22.56
C LYS B 171 -7.01 -0.91 -21.12
N LEU B 172 -6.19 -1.41 -20.20
CA LEU B 172 -6.59 -1.45 -18.79
C LEU B 172 -6.84 -0.05 -18.22
N THR B 173 -6.09 0.96 -18.67
CA THR B 173 -6.29 2.30 -18.11
C THR B 173 -7.69 2.81 -18.43
N ALA B 174 -8.18 2.52 -19.65
CA ALA B 174 -9.52 2.97 -20.01
C ALA B 174 -10.59 2.22 -19.21
N ARG B 175 -10.34 0.96 -18.83
CA ARG B 175 -11.26 0.25 -17.93
C ARG B 175 -11.29 0.90 -16.56
N LEU B 176 -10.11 1.15 -15.97
CA LEU B 176 -10.02 1.76 -14.65
C LEU B 176 -10.78 3.06 -14.60
N ILE B 177 -10.69 3.87 -15.66
CA ILE B 177 -11.39 5.15 -15.70
C ILE B 177 -12.89 4.95 -15.92
N ARG B 178 -13.23 4.09 -16.86
CA ARG B 178 -14.62 3.70 -17.07
C ARG B 178 -15.25 3.19 -15.78
N ASP B 179 -14.57 2.24 -15.11
CA ASP B 179 -15.13 1.62 -13.91
C ASP B 179 -14.75 2.36 -12.64
N GLY B 180 -14.00 3.45 -12.74
CA GLY B 180 -13.91 4.42 -11.66
C GLY B 180 -12.84 4.19 -10.61
N ARG B 181 -11.75 3.50 -10.94
CA ARG B 181 -10.75 3.09 -9.97
C ARG B 181 -9.35 3.46 -10.44
N ILE B 182 -9.23 4.51 -11.25
CA ILE B 182 -7.92 4.92 -11.71
C ILE B 182 -7.11 5.49 -10.54
N GLU B 183 -7.77 6.24 -9.65
CA GLU B 183 -7.08 6.78 -8.48
C GLU B 183 -6.65 5.68 -7.52
N HIS B 184 -7.49 4.66 -7.33
CA HIS B 184 -7.06 3.50 -6.54
C HIS B 184 -5.82 2.86 -7.15
N ALA B 185 -5.79 2.71 -8.48
CA ALA B 185 -4.63 2.09 -9.13
C ALA B 185 -3.36 2.93 -8.94
N ASP B 186 -3.50 4.27 -9.03
CA ASP B 186 -2.32 5.13 -8.92
C ASP B 186 -1.76 5.15 -7.50
N ALA B 187 -2.61 5.09 -6.48
CA ALA B 187 -2.06 5.00 -5.12
C ALA B 187 -1.37 3.66 -4.91
N CYS B 188 -1.93 2.57 -5.49
CA CYS B 188 -1.24 1.28 -5.49
C CYS B 188 0.12 1.40 -6.17
N PHE B 189 0.21 2.13 -7.28
CA PHE B 189 1.49 2.23 -7.99
C PHE B 189 2.53 2.97 -7.17
N ALA B 190 2.09 3.98 -6.41
CA ALA B 190 3.02 4.75 -5.60
C ALA B 190 3.53 3.94 -4.42
N PHE B 191 2.69 3.11 -3.80
CA PHE B 191 3.16 2.26 -2.72
C PHE B 191 4.02 1.08 -3.19
N LEU B 192 3.92 0.70 -4.46
CA LEU B 192 4.53 -0.56 -4.92
C LEU B 192 6.02 -0.68 -4.61
N PRO B 193 6.88 0.33 -4.86
CA PRO B 193 8.29 0.13 -4.52
C PRO B 193 8.53 -0.12 -3.02
N THR B 194 7.69 0.46 -2.15
CA THR B 194 7.79 0.15 -0.73
C THR B 194 7.42 -1.30 -0.46
N ARG B 195 6.31 -1.76 -1.05
CA ARG B 195 5.91 -3.15 -0.96
C ARG B 195 7.05 -4.10 -1.35
N ALA B 196 7.80 -3.74 -2.40
CA ALA B 196 8.91 -4.58 -2.83
C ALA B 196 10.09 -4.54 -1.86
N LYS B 197 10.29 -3.44 -1.15
CA LYS B 197 11.44 -3.40 -0.25
C LYS B 197 11.13 -4.11 1.06
N LEU B 198 9.88 -4.02 1.52
CA LEU B 198 9.44 -4.83 2.65
C LEU B 198 9.62 -6.32 2.35
N ASP B 199 9.36 -6.74 1.10
CA ASP B 199 9.59 -8.12 0.69
C ASP B 199 11.05 -8.50 0.87
N LEU B 200 11.97 -7.65 0.39
CA LEU B 200 13.40 -7.93 0.52
C LEU B 200 13.82 -8.02 1.98
N LEU B 201 13.12 -7.30 2.87
CA LEU B 201 13.35 -7.28 4.31
C LEU B 201 12.71 -8.45 5.05
N GLY B 202 11.93 -9.30 4.39
CA GLY B 202 11.39 -10.49 5.02
C GLY B 202 9.90 -10.48 5.30
N TRP B 203 9.19 -9.40 5.00
CA TRP B 203 7.73 -9.35 5.12
C TRP B 203 7.03 -9.85 3.87
N ASP B 204 7.74 -10.61 3.02
CA ASP B 204 7.22 -10.96 1.70
C ASP B 204 5.98 -11.83 1.72
N GLU B 205 5.68 -12.52 2.82
CA GLU B 205 4.48 -13.36 2.87
C GLU B 205 3.46 -12.85 3.85
N THR B 206 3.56 -11.59 4.24
CA THR B 206 2.53 -10.95 5.04
C THR B 206 2.12 -9.66 4.36
N ASP B 207 0.85 -9.33 4.49
CA ASP B 207 0.34 -8.02 4.08
C ASP B 207 0.52 -7.06 5.26
N ILE B 208 1.33 -6.01 5.05
CA ILE B 208 1.66 -5.12 6.16
C ILE B 208 0.43 -4.41 6.71
N PHE B 209 -0.66 -4.34 5.94
CA PHE B 209 -1.87 -3.60 6.32
C PHE B 209 -2.87 -4.48 7.04
N ALA B 210 -2.55 -5.75 7.21
CA ALA B 210 -3.39 -6.62 8.01
C ALA B 210 -3.07 -6.46 9.48
N HIS B 211 -3.86 -7.14 10.33
CA HIS B 211 -3.49 -7.24 11.74
C HIS B 211 -2.25 -8.12 11.95
N SER B 212 -2.10 -9.20 11.16
CA SER B 212 -0.93 -10.10 11.28
C SER B 212 -0.43 -10.61 9.94
S SO4 C . -6.00 -3.89 18.87
O1 SO4 C . -5.51 -3.78 17.49
O2 SO4 C . -6.14 -5.31 19.22
O3 SO4 C . -5.11 -3.21 19.80
O4 SO4 C . -7.27 -3.18 19.04
MN MN D . -13.03 0.36 21.79
MN MN E . -9.87 1.54 16.26
S SO4 F . 1.78 -13.91 -14.35
O1 SO4 F . 1.54 -13.57 -15.75
O2 SO4 F . 1.56 -15.35 -14.19
O3 SO4 F . 3.18 -13.53 -13.99
O4 SO4 F . 0.91 -13.15 -13.45
S SO4 G . 9.95 -17.01 3.50
O1 SO4 G . 9.37 -16.45 2.28
O2 SO4 G . 11.30 -17.53 3.25
O3 SO4 G . 9.08 -18.07 3.99
O4 SO4 G . 10.06 -15.96 4.52
MN MN H . 9.37 -14.14 -18.58
MN MN I . 8.16 -10.36 -14.03
#